data_8FP0
#
_entry.id   8FP0
#
_cell.length_a   53.820
_cell.length_b   72.100
_cell.length_c   72.500
_cell.angle_alpha   90.00
_cell.angle_beta   90.00
_cell.angle_gamma   90.00
#
_symmetry.space_group_name_H-M   'P 21 21 21'
#
loop_
_entity.id
_entity.type
_entity.pdbx_description
1 polymer 'Cyclin-dependent kinase 2'
2 non-polymer 1,2-ETHANEDIOL
3 non-polymer R-ROSCOVITINE
4 non-polymer '2-{[2-(1H-indol-3-yl)ethyl]amino}-5-nitrobenzoic acid'
5 water water
#
_entity_poly.entity_id   1
_entity_poly.type   'polypeptide(L)'
_entity_poly.pdbx_seq_one_letter_code
;MENFQKVEKIGEGTYGVVYKARNKLTGEVVALKKIRLDTETEGVPSTAIREISLLKELNHPNIVKLLDVIHTENKLYLVF
EFLHQDLKKFMDASALTGIPLPLIKSYLFQLLQGLAFCHSHRVLHRDLKPQNLLINTEGAIKLADFGLARAFGVPVRTYT
HEVVTLWYRAPEILLGCKYYSTAVDIWSLGCIFAEMVTRRALFPGDSEIDQLFRIFRTLGTPDEVVWPGVTSMPDYKPSF
PKWARQDFSKVVPPLDEDGRSLLSQMLHYDPNKRISAKAALAHPFFQDVTKPVPHLRL
;
_entity_poly.pdbx_strand_id   A
#
loop_
_chem_comp.id
_chem_comp.type
_chem_comp.name
_chem_comp.formula
7TW non-polymer '2-{[2-(1H-indol-3-yl)ethyl]amino}-5-nitrobenzoic acid' 'C17 H15 N3 O4'
EDO non-polymer 1,2-ETHANEDIOL 'C2 H6 O2'
RRC non-polymer R-ROSCOVITINE 'C19 H26 N6 O'
#
# COMPACT_ATOMS: atom_id res chain seq x y z
N GLU A 2 -12.93 21.02 24.86
CA GLU A 2 -12.19 20.05 24.05
C GLU A 2 -11.77 18.82 24.83
N ASN A 3 -12.05 17.65 24.27
CA ASN A 3 -11.70 16.39 24.90
C ASN A 3 -10.29 15.92 24.56
N PHE A 4 -9.65 16.53 23.58
CA PHE A 4 -8.39 16.05 23.02
C PHE A 4 -7.38 17.18 22.99
N GLN A 5 -6.28 17.02 23.72
CA GLN A 5 -5.18 17.97 23.68
C GLN A 5 -4.25 17.56 22.54
N LYS A 6 -4.22 18.38 21.48
CA LYS A 6 -3.44 18.04 20.29
C LYS A 6 -1.95 18.13 20.61
N VAL A 7 -1.24 17.00 20.48
CA VAL A 7 0.16 16.93 20.85
C VAL A 7 1.05 17.51 19.77
N GLU A 8 0.71 17.26 18.50
CA GLU A 8 1.50 17.72 17.37
C GLU A 8 0.81 17.31 16.08
N LYS A 9 0.66 18.25 15.15
CA LYS A 9 0.23 17.87 13.82
C LYS A 9 1.30 16.98 13.20
N ILE A 10 0.93 15.77 12.81
CA ILE A 10 1.89 14.80 12.31
C ILE A 10 1.82 14.66 10.79
N GLY A 11 1.04 15.50 10.12
CA GLY A 11 1.07 15.54 8.67
C GLY A 11 -0.31 15.69 8.10
N GLU A 12 -0.42 15.31 6.82
CA GLU A 12 -1.66 15.40 6.06
C GLU A 12 -1.88 14.07 5.34
N GLY A 13 -2.99 13.40 5.66
CA GLY A 13 -3.37 12.21 4.96
C GLY A 13 -4.06 12.52 3.65
N THR A 14 -4.41 11.46 2.92
CA THR A 14 -5.07 11.61 1.63
C THR A 14 -6.47 12.20 1.75
N TYR A 15 -6.99 12.37 2.97
CA TYR A 15 -8.36 12.81 3.17
C TYR A 15 -8.52 13.88 4.23
N GLY A 16 -7.45 14.30 4.90
CA GLY A 16 -7.58 15.32 5.93
C GLY A 16 -6.26 15.52 6.65
N VAL A 17 -6.33 16.21 7.79
CA VAL A 17 -5.18 16.50 8.61
C VAL A 17 -5.13 15.52 9.77
N VAL A 18 -3.92 15.14 10.19
CA VAL A 18 -3.74 14.11 11.20
C VAL A 18 -2.95 14.71 12.37
N TYR A 19 -3.44 14.46 13.59
CA TYR A 19 -2.85 14.98 14.81
C TYR A 19 -2.54 13.85 15.76
N LYS A 20 -1.41 13.96 16.45
CA LYS A 20 -1.17 13.15 17.64
C LYS A 20 -1.81 13.89 18.81
N ALA A 21 -2.61 13.19 19.60
CA ALA A 21 -3.40 13.85 20.63
C ALA A 21 -3.51 12.95 21.85
N ARG A 22 -3.79 13.55 22.99
CA ARG A 22 -3.97 12.80 24.22
C ARG A 22 -5.38 13.06 24.74
N ASN A 23 -6.06 12.00 25.15
CA ASN A 23 -7.37 12.15 25.79
C ASN A 23 -7.20 12.72 27.20
N LYS A 24 -7.91 13.81 27.50
CA LYS A 24 -7.67 14.51 28.75
C LYS A 24 -8.10 13.67 29.95
N LEU A 25 -9.29 13.07 29.88
CA LEU A 25 -9.82 12.25 30.97
C LEU A 25 -9.65 10.76 30.70
N THR A 26 -8.51 10.37 30.12
CA THR A 26 -8.21 8.97 29.89
C THR A 26 -6.70 8.77 29.83
N GLY A 27 -5.97 9.84 29.48
CA GLY A 27 -4.54 9.75 29.24
C GLY A 27 -4.15 9.07 27.96
N GLU A 28 -5.10 8.48 27.23
CA GLU A 28 -4.76 7.70 26.04
C GLU A 28 -4.20 8.57 24.94
N VAL A 29 -3.08 8.12 24.36
CA VAL A 29 -2.46 8.81 23.23
C VAL A 29 -2.95 8.14 21.96
N VAL A 30 -3.47 8.94 21.04
CA VAL A 30 -4.18 8.46 19.85
C VAL A 30 -3.77 9.32 18.66
N ALA A 31 -4.18 8.90 17.46
CA ALA A 31 -4.06 9.70 16.24
C ALA A 31 -5.46 10.19 15.86
N LEU A 32 -5.58 11.49 15.59
CA LEU A 32 -6.84 12.14 15.21
C LEU A 32 -6.77 12.57 13.76
N LYS A 33 -7.65 12.02 12.92
CA LYS A 33 -7.77 12.43 11.53
C LYS A 33 -9.02 13.30 11.36
N LYS A 34 -8.84 14.60 11.12
CA LYS A 34 -9.92 15.52 10.78
C LYS A 34 -10.16 15.50 9.27
N ILE A 35 -11.42 15.38 8.88
CA ILE A 35 -11.81 15.32 7.47
C ILE A 35 -12.90 16.34 7.20
N ARG A 36 -12.79 17.03 6.07
CA ARG A 36 -13.89 17.82 5.53
C ARG A 36 -14.44 18.82 6.56
N THR A 47 -24.66 7.85 5.61
CA THR A 47 -24.33 7.25 4.32
C THR A 47 -22.92 6.68 4.33
N ALA A 48 -21.94 7.55 4.07
CA ALA A 48 -20.56 7.18 4.38
C ALA A 48 -20.38 6.99 5.87
N ILE A 49 -21.22 7.64 6.68
CA ILE A 49 -21.15 7.44 8.14
C ILE A 49 -21.42 5.99 8.49
N ARG A 50 -22.40 5.37 7.81
CA ARG A 50 -22.75 3.99 8.14
C ARG A 50 -21.59 3.04 7.87
N GLU A 51 -21.04 3.10 6.65
CA GLU A 51 -20.00 2.14 6.29
C GLU A 51 -18.72 2.38 7.08
N ILE A 52 -18.33 3.64 7.25
CA ILE A 52 -17.13 3.93 8.04
C ILE A 52 -17.27 3.37 9.44
N SER A 53 -18.46 3.50 10.05
CA SER A 53 -18.65 3.05 11.41
C SER A 53 -18.43 1.54 11.54
N LEU A 54 -18.77 0.76 10.51
CA LEU A 54 -18.61 -0.69 10.58
C LEU A 54 -17.14 -1.06 10.80
N LEU A 55 -16.23 -0.28 10.25
CA LEU A 55 -14.81 -0.60 10.35
C LEU A 55 -14.32 -0.67 11.79
N LYS A 56 -15.09 -0.17 12.77
CA LYS A 56 -14.59 -0.11 14.14
C LYS A 56 -14.36 -1.50 14.72
N GLU A 57 -15.22 -2.47 14.43
CA GLU A 57 -15.11 -3.78 15.04
C GLU A 57 -14.70 -4.88 14.06
N LEU A 58 -14.15 -4.49 12.90
CA LEU A 58 -13.37 -5.41 12.07
C LEU A 58 -11.90 -5.11 12.35
N ASN A 59 -11.28 -5.92 13.19
CA ASN A 59 -9.92 -5.68 13.65
C ASN A 59 -8.99 -6.80 13.24
N HIS A 60 -7.74 -6.43 13.00
CA HIS A 60 -6.70 -7.36 12.61
C HIS A 60 -5.36 -6.79 13.04
N PRO A 61 -4.42 -7.64 13.45
CA PRO A 61 -3.12 -7.14 13.94
C PRO A 61 -2.37 -6.28 12.95
N ASN A 62 -2.62 -6.45 11.65
CA ASN A 62 -1.87 -5.69 10.65
C ASN A 62 -2.72 -4.58 10.02
N ILE A 63 -3.79 -4.17 10.69
CA ILE A 63 -4.61 -3.04 10.27
C ILE A 63 -4.69 -2.06 11.43
N VAL A 64 -4.43 -0.77 11.18
CA VAL A 64 -4.56 0.21 12.26
C VAL A 64 -5.96 0.18 12.83
N LYS A 65 -6.07 0.23 14.17
CA LYS A 65 -7.37 0.16 14.81
C LYS A 65 -8.09 1.50 14.73
N LEU A 66 -9.33 1.46 14.24
CA LEU A 66 -10.21 2.62 14.27
C LEU A 66 -10.97 2.58 15.60
N LEU A 67 -10.74 3.57 16.44
CA LEU A 67 -11.33 3.60 17.78
C LEU A 67 -12.69 4.26 17.79
N ASP A 68 -12.87 5.34 17.04
CA ASP A 68 -14.07 6.15 17.20
C ASP A 68 -14.31 6.98 15.94
N VAL A 69 -15.58 7.28 15.69
CA VAL A 69 -16.01 8.11 14.59
C VAL A 69 -16.89 9.21 15.17
N ILE A 70 -16.55 10.47 14.88
CA ILE A 70 -17.26 11.61 15.45
C ILE A 70 -17.70 12.54 14.33
N HIS A 71 -18.99 12.89 14.31
CA HIS A 71 -19.56 13.71 13.26
C HIS A 71 -20.00 15.06 13.81
N THR A 72 -19.70 16.12 13.06
CA THR A 72 -20.24 17.45 13.33
C THR A 72 -20.48 18.22 12.03
N LYS A 75 -18.10 18.23 9.41
CA LYS A 75 -16.70 17.89 9.66
C LYS A 75 -16.63 16.55 10.38
N LEU A 76 -15.77 15.65 9.91
CA LEU A 76 -15.73 14.26 10.35
C LEU A 76 -14.40 13.95 11.01
N TYR A 77 -14.44 13.34 12.20
CA TYR A 77 -13.24 12.95 12.92
C TYR A 77 -13.15 11.43 13.05
N LEU A 78 -11.96 10.90 12.78
CA LEU A 78 -11.66 9.49 13.01
C LEU A 78 -10.53 9.43 14.04
N VAL A 79 -10.76 8.70 15.13
CA VAL A 79 -9.77 8.48 16.17
C VAL A 79 -9.16 7.11 15.96
N PHE A 80 -7.84 7.05 15.80
CA PHE A 80 -7.13 5.81 15.53
C PHE A 80 -6.14 5.54 16.66
N GLU A 81 -5.71 4.29 16.78
CA GLU A 81 -4.52 4.04 17.57
C GLU A 81 -3.34 4.78 16.95
N PHE A 82 -2.36 5.13 17.78
CA PHE A 82 -1.16 5.85 17.34
C PHE A 82 0.01 4.89 17.17
N LEU A 83 0.73 5.01 16.05
CA LEU A 83 1.99 4.31 15.82
C LEU A 83 3.10 5.32 15.63
N HIS A 84 4.33 4.96 16.03
CA HIS A 84 5.36 5.99 16.16
C HIS A 84 6.14 6.29 14.89
N GLN A 85 6.09 5.42 13.86
CA GLN A 85 6.86 5.72 12.65
C GLN A 85 6.10 5.19 11.45
N ASP A 86 6.39 5.76 10.29
CA ASP A 86 5.85 5.21 9.05
C ASP A 86 6.97 4.61 8.22
N LEU A 87 6.59 3.82 7.20
CA LEU A 87 7.61 3.06 6.48
C LEU A 87 8.45 3.95 5.58
N LYS A 88 7.87 5.04 5.07
CA LYS A 88 8.68 5.96 4.27
C LYS A 88 9.81 6.54 5.10
N LYS A 89 9.51 6.99 6.33
CA LYS A 89 10.55 7.50 7.21
C LYS A 89 11.62 6.44 7.47
N PHE A 90 11.18 5.21 7.72
CA PHE A 90 12.09 4.11 8.03
C PHE A 90 12.94 3.76 6.82
N MET A 91 12.33 3.72 5.63
CA MET A 91 13.08 3.49 4.40
C MET A 91 14.14 4.55 4.22
N ASP A 92 13.75 5.82 4.42
CA ASP A 92 14.71 6.93 4.31
C ASP A 92 15.84 6.80 5.31
N ALA A 93 15.52 6.45 6.56
CA ALA A 93 16.55 6.27 7.58
C ALA A 93 17.45 5.07 7.29
N SER A 94 17.00 4.13 6.46
CA SER A 94 17.75 2.91 6.17
C SER A 94 18.40 2.94 4.79
N ALA A 95 18.49 4.10 4.15
CA ALA A 95 18.82 4.13 2.73
C ALA A 95 20.31 3.89 2.46
N LEU A 96 21.19 4.25 3.39
CA LEU A 96 22.61 4.00 3.16
C LEU A 96 22.94 2.52 3.26
N THR A 97 22.23 1.79 4.13
CA THR A 97 22.51 0.39 4.41
C THR A 97 21.49 -0.55 3.80
N GLY A 98 20.26 -0.10 3.64
CA GLY A 98 19.17 -0.96 3.19
C GLY A 98 18.52 -1.65 4.37
N ILE A 99 17.24 -1.95 4.24
CA ILE A 99 16.53 -2.75 5.24
C ILE A 99 16.95 -4.20 5.07
N PRO A 100 17.29 -4.91 6.15
CA PRO A 100 17.73 -6.31 5.99
C PRO A 100 16.62 -7.16 5.38
N LEU A 101 17.03 -8.10 4.53
CA LEU A 101 16.03 -8.92 3.82
C LEU A 101 15.06 -9.60 4.76
N PRO A 102 15.47 -10.17 5.89
CA PRO A 102 14.49 -10.80 6.80
C PRO A 102 13.44 -9.83 7.29
N LEU A 103 13.77 -8.54 7.43
CA LEU A 103 12.76 -7.57 7.87
C LEU A 103 11.85 -7.16 6.69
N ILE A 104 12.43 -6.97 5.50
CA ILE A 104 11.60 -6.79 4.31
C ILE A 104 10.58 -7.91 4.22
N LYS A 105 11.05 -9.15 4.37
CA LYS A 105 10.18 -10.32 4.20
C LYS A 105 9.11 -10.37 5.28
N SER A 106 9.48 -10.09 6.53
CA SER A 106 8.49 -10.03 7.61
C SER A 106 7.44 -8.95 7.34
N TYR A 107 7.88 -7.75 6.93
CA TYR A 107 6.92 -6.69 6.64
C TYR A 107 6.01 -7.07 5.48
N LEU A 108 6.57 -7.65 4.41
CA LEU A 108 5.71 -8.01 3.28
C LEU A 108 4.68 -9.05 3.68
N PHE A 109 5.12 -10.06 4.43
CA PHE A 109 4.25 -11.13 4.91
C PHE A 109 3.10 -10.55 5.74
N GLN A 110 3.44 -9.65 6.68
CA GLN A 110 2.42 -9.04 7.53
C GLN A 110 1.43 -8.23 6.72
N LEU A 111 1.93 -7.46 5.73
CA LEU A 111 1.05 -6.64 4.92
C LEU A 111 0.13 -7.51 4.07
N LEU A 112 0.65 -8.63 3.56
CA LEU A 112 -0.24 -9.56 2.84
C LEU A 112 -1.28 -10.17 3.77
N GLN A 113 -0.95 -10.38 5.07
CA GLN A 113 -1.98 -10.86 5.98
C GLN A 113 -3.07 -9.83 6.17
N GLY A 114 -2.68 -8.56 6.33
CA GLY A 114 -3.66 -7.49 6.44
C GLY A 114 -4.53 -7.38 5.21
N LEU A 115 -3.92 -7.43 4.03
CA LEU A 115 -4.69 -7.39 2.79
C LEU A 115 -5.59 -8.60 2.67
N ALA A 116 -5.09 -9.79 2.99
CA ALA A 116 -5.96 -10.95 2.89
C ALA A 116 -7.17 -10.79 3.78
N PHE A 117 -6.97 -10.23 4.99
CA PHE A 117 -8.09 -10.01 5.89
C PHE A 117 -9.08 -9.04 5.28
N CYS A 118 -8.63 -7.85 4.88
N CYS A 118 -8.60 -7.86 4.90
CA CYS A 118 -9.59 -6.85 4.44
CA CYS A 118 -9.49 -6.82 4.39
C CYS A 118 -10.23 -7.24 3.11
C CYS A 118 -10.23 -7.30 3.15
N HIS A 119 -9.49 -7.89 2.23
CA HIS A 119 -10.09 -8.37 0.97
C HIS A 119 -11.13 -9.45 1.22
N SER A 120 -10.88 -10.32 2.22
CA SER A 120 -11.88 -11.33 2.55
C SER A 120 -13.16 -10.72 3.09
N HIS A 121 -13.10 -9.47 3.55
CA HIS A 121 -14.28 -8.74 3.99
C HIS A 121 -14.76 -7.75 2.94
N ARG A 122 -14.21 -7.83 1.72
CA ARG A 122 -14.60 -6.98 0.59
C ARG A 122 -14.31 -5.51 0.86
N VAL A 123 -13.22 -5.23 1.56
CA VAL A 123 -12.72 -3.88 1.78
C VAL A 123 -11.45 -3.72 0.99
N LEU A 124 -11.37 -2.69 0.14
CA LEU A 124 -10.17 -2.34 -0.61
C LEU A 124 -9.48 -1.15 0.04
N HIS A 125 -8.16 -1.08 -0.11
CA HIS A 125 -7.44 0.12 0.31
C HIS A 125 -7.41 1.19 -0.78
N ARG A 126 -6.94 0.81 -1.97
CA ARG A 126 -6.87 1.61 -3.19
C ARG A 126 -5.77 2.67 -3.24
N ASP A 127 -5.13 3.00 -2.13
CA ASP A 127 -4.08 4.03 -2.20
C ASP A 127 -2.90 3.69 -1.27
N LEU A 128 -2.40 2.46 -1.38
CA LEU A 128 -1.27 2.04 -0.57
C LEU A 128 0.00 2.78 -1.00
N LYS A 129 0.77 3.24 -0.02
CA LYS A 129 2.06 3.88 -0.24
C LYS A 129 2.86 3.78 1.04
N PRO A 130 4.18 3.93 0.96
CA PRO A 130 5.01 3.74 2.18
C PRO A 130 4.57 4.64 3.31
N GLN A 131 4.08 5.84 3.00
CA GLN A 131 3.65 6.78 4.04
C GLN A 131 2.45 6.28 4.84
N ASN A 132 1.62 5.41 4.26
CA ASN A 132 0.47 4.87 4.97
C ASN A 132 0.72 3.52 5.60
N LEU A 133 1.97 3.07 5.67
CA LEU A 133 2.32 1.83 6.35
C LEU A 133 3.04 2.21 7.65
N LEU A 134 2.45 1.83 8.78
CA LEU A 134 2.93 2.29 10.08
C LEU A 134 3.59 1.15 10.84
N ILE A 135 4.72 1.45 11.51
CA ILE A 135 5.50 0.42 12.17
C ILE A 135 5.65 0.78 13.65
N ASN A 136 5.92 -0.24 14.45
CA ASN A 136 6.20 0.00 15.87
C ASN A 136 7.51 -0.71 16.27
N THR A 137 7.89 -0.54 17.54
CA THR A 137 9.16 -1.09 18.01
C THR A 137 9.16 -2.60 18.12
N GLU A 138 7.99 -3.23 18.08
CA GLU A 138 7.86 -4.66 18.25
C GLU A 138 8.02 -5.45 16.95
N GLY A 139 8.23 -4.79 15.82
CA GLY A 139 8.35 -5.49 14.56
C GLY A 139 7.06 -5.64 13.78
N ALA A 140 5.97 -5.04 14.24
CA ALA A 140 4.70 -5.08 13.51
C ALA A 140 4.64 -3.96 12.48
N ILE A 141 3.89 -4.20 11.41
CA ILE A 141 3.57 -3.16 10.44
C ILE A 141 2.08 -3.23 10.16
N LYS A 142 1.44 -2.07 9.97
CA LYS A 142 -0.02 -1.97 9.88
C LYS A 142 -0.45 -1.08 8.71
N LEU A 143 -1.54 -1.49 8.05
CA LEU A 143 -2.11 -0.71 6.97
C LEU A 143 -2.95 0.42 7.54
N ALA A 144 -2.76 1.63 7.02
CA ALA A 144 -3.50 2.80 7.47
C ALA A 144 -3.93 3.61 6.26
N ASP A 145 -4.71 4.66 6.53
CA ASP A 145 -5.05 5.65 5.53
C ASP A 145 -5.81 5.01 4.36
N PHE A 146 -6.75 4.14 4.69
CA PHE A 146 -7.59 3.51 3.68
C PHE A 146 -8.30 4.57 2.84
N GLY A 147 -8.50 4.26 1.55
CA GLY A 147 -9.15 5.20 0.66
C GLY A 147 -10.67 5.07 0.67
N LEU A 148 -11.26 5.04 1.86
CA LEU A 148 -12.64 4.64 2.05
C LEU A 148 -13.60 5.83 2.16
N ALA A 149 -13.19 7.02 1.71
CA ALA A 149 -14.10 8.17 1.79
C ALA A 149 -15.31 7.97 0.89
N ARG A 150 -15.07 7.85 -0.42
CA ARG A 150 -16.17 7.60 -1.35
C ARG A 150 -16.90 6.30 -1.00
N ALA A 151 -16.14 5.27 -0.59
CA ALA A 151 -16.71 3.99 -0.20
C ALA A 151 -16.85 3.86 1.31
N VAL A 163 -0.13 17.55 -3.94
CA VAL A 163 -0.13 16.83 -5.19
C VAL A 163 -0.08 15.33 -4.94
N VAL A 164 -0.82 14.56 -5.73
CA VAL A 164 -1.07 13.16 -5.42
C VAL A 164 0.07 12.31 -5.98
N THR A 165 0.45 11.29 -5.21
CA THR A 165 1.46 10.34 -5.62
C THR A 165 0.83 9.25 -6.49
N LEU A 166 1.30 9.12 -7.72
CA LEU A 166 0.80 8.11 -8.64
C LEU A 166 1.65 6.86 -8.64
N TRP A 167 2.74 6.85 -7.88
CA TRP A 167 3.80 5.86 -8.09
C TRP A 167 3.34 4.44 -7.87
N TYR A 168 2.28 4.23 -7.11
CA TYR A 168 1.84 2.91 -6.69
C TYR A 168 0.51 2.51 -7.32
N ARG A 169 0.02 3.29 -8.28
CA ARG A 169 -1.27 3.06 -8.91
C ARG A 169 -1.20 1.90 -9.92
N ALA A 170 -2.17 1.00 -9.82
CA ALA A 170 -2.25 -0.14 -10.74
C ALA A 170 -2.60 0.30 -12.17
N PRO A 171 -2.15 -0.45 -13.19
CA PRO A 171 -2.41 0.00 -14.56
C PRO A 171 -3.89 0.04 -14.93
N GLU A 172 -4.71 -0.85 -14.38
CA GLU A 172 -6.13 -0.82 -14.75
C GLU A 172 -6.80 0.45 -14.22
N ILE A 173 -6.33 1.00 -13.09
CA ILE A 173 -6.84 2.30 -12.66
C ILE A 173 -6.45 3.37 -13.66
N LEU A 174 -5.17 3.38 -14.04
CA LEU A 174 -4.67 4.43 -14.94
C LEU A 174 -5.30 4.32 -16.33
N LEU A 175 -5.73 3.12 -16.72
CA LEU A 175 -6.36 2.95 -18.01
C LEU A 175 -7.87 3.15 -17.96
N GLY A 176 -8.41 3.57 -16.81
CA GLY A 176 -9.78 4.00 -16.76
C GLY A 176 -10.80 2.96 -16.37
N CYS A 177 -10.36 1.81 -15.85
CA CYS A 177 -11.29 0.81 -15.36
C CYS A 177 -12.09 1.38 -14.19
N LYS A 178 -13.42 1.36 -14.32
CA LYS A 178 -14.28 1.94 -13.31
C LYS A 178 -14.45 1.01 -12.12
N TYR A 179 -14.36 -0.30 -12.35
CA TYR A 179 -14.75 -1.31 -11.36
C TYR A 179 -13.54 -2.15 -10.97
N TYR A 180 -12.42 -1.49 -10.72
CA TYR A 180 -11.22 -2.21 -10.32
C TYR A 180 -11.42 -2.87 -8.94
N SER A 181 -10.51 -3.78 -8.62
CA SER A 181 -10.70 -4.86 -7.67
C SER A 181 -9.60 -4.86 -6.63
N THR A 182 -9.68 -5.85 -5.74
CA THR A 182 -8.63 -6.08 -4.75
C THR A 182 -7.24 -6.21 -5.37
N ALA A 183 -7.16 -6.57 -6.66
CA ALA A 183 -5.87 -6.65 -7.32
C ALA A 183 -5.11 -5.34 -7.30
N VAL A 184 -5.79 -4.19 -7.20
CA VAL A 184 -5.03 -2.94 -7.22
C VAL A 184 -4.14 -2.85 -6.00
N ASP A 185 -4.53 -3.47 -4.90
CA ASP A 185 -3.74 -3.38 -3.68
C ASP A 185 -2.50 -4.26 -3.74
N ILE A 186 -2.60 -5.41 -4.44
CA ILE A 186 -1.46 -6.28 -4.65
C ILE A 186 -0.43 -5.59 -5.54
N TRP A 187 -0.90 -4.88 -6.56
CA TRP A 187 0.02 -4.10 -7.40
C TRP A 187 0.78 -3.11 -6.56
N SER A 188 0.05 -2.30 -5.77
CA SER A 188 0.71 -1.29 -4.96
C SER A 188 1.73 -1.94 -4.02
N LEU A 189 1.33 -3.01 -3.35
CA LEU A 189 2.26 -3.65 -2.41
C LEU A 189 3.47 -4.21 -3.15
N GLY A 190 3.28 -4.66 -4.40
CA GLY A 190 4.43 -5.10 -5.16
C GLY A 190 5.41 -3.98 -5.42
N CYS A 191 4.90 -2.79 -5.79
CA CYS A 191 5.78 -1.65 -6.00
C CYS A 191 6.53 -1.29 -4.73
N ILE A 192 5.86 -1.40 -3.58
CA ILE A 192 6.51 -1.07 -2.29
C ILE A 192 7.59 -2.10 -1.96
N PHE A 193 7.27 -3.39 -2.12
CA PHE A 193 8.26 -4.48 -1.99
C PHE A 193 9.52 -4.17 -2.78
N ALA A 194 9.36 -3.87 -4.08
CA ALA A 194 10.51 -3.55 -4.92
C ALA A 194 11.31 -2.38 -4.36
N GLU A 195 10.62 -1.35 -3.86
CA GLU A 195 11.28 -0.16 -3.35
C GLU A 195 12.07 -0.46 -2.06
N MET A 196 11.54 -1.32 -1.19
CA MET A 196 12.32 -1.69 -0.02
C MET A 196 13.62 -2.37 -0.39
N VAL A 197 13.59 -3.17 -1.46
CA VAL A 197 14.75 -3.94 -1.88
C VAL A 197 15.78 -3.05 -2.55
N THR A 198 15.35 -2.23 -3.52
CA THR A 198 16.30 -1.47 -4.32
C THR A 198 16.62 -0.11 -3.74
N ARG A 199 15.79 0.40 -2.82
CA ARG A 199 15.94 1.72 -2.21
C ARG A 199 15.76 2.85 -3.22
N ARG A 200 14.93 2.60 -4.23
CA ARG A 200 14.50 3.58 -5.21
C ARG A 200 13.08 3.21 -5.63
N ALA A 201 12.21 4.22 -5.77
CA ALA A 201 10.86 3.94 -6.27
C ALA A 201 10.91 3.24 -7.61
N LEU A 202 10.02 2.25 -7.80
CA LEU A 202 10.00 1.47 -9.03
C LEU A 202 9.49 2.28 -10.21
N PHE A 203 8.40 3.01 -10.02
CA PHE A 203 7.69 3.69 -11.12
C PHE A 203 7.34 5.10 -10.66
N PRO A 204 8.34 6.03 -10.62
CA PRO A 204 8.06 7.37 -10.06
C PRO A 204 7.54 8.36 -11.11
N GLY A 205 6.31 8.13 -11.58
CA GLY A 205 5.73 9.03 -12.58
C GLY A 205 5.26 10.34 -11.95
N ASP A 206 5.24 11.39 -12.77
CA ASP A 206 4.80 12.70 -12.30
C ASP A 206 3.54 13.17 -13.01
N SER A 207 2.91 12.30 -13.81
CA SER A 207 1.63 12.54 -14.45
C SER A 207 1.02 11.17 -14.71
N GLU A 208 -0.28 11.14 -15.00
CA GLU A 208 -0.89 9.83 -15.20
C GLU A 208 -0.28 9.11 -16.39
N ILE A 209 -0.05 9.84 -17.49
CA ILE A 209 0.52 9.19 -18.67
C ILE A 209 1.99 8.85 -18.45
N ASP A 210 2.74 9.70 -17.75
CA ASP A 210 4.11 9.35 -17.41
C ASP A 210 4.17 8.11 -16.54
N GLN A 211 3.22 8.00 -15.59
CA GLN A 211 3.14 6.82 -14.74
C GLN A 211 2.86 5.58 -15.56
N LEU A 212 1.87 5.66 -16.46
CA LEU A 212 1.57 4.54 -17.33
C LEU A 212 2.76 4.17 -18.20
N PHE A 213 3.41 5.15 -18.81
CA PHE A 213 4.52 4.86 -19.71
C PHE A 213 5.76 4.38 -18.94
N ARG A 214 5.94 4.80 -17.69
CA ARG A 214 7.02 4.21 -16.89
C ARG A 214 6.77 2.73 -16.65
N ILE A 215 5.52 2.35 -16.37
CA ILE A 215 5.18 0.94 -16.25
C ILE A 215 5.45 0.22 -17.55
N PHE A 216 4.97 0.77 -18.67
CA PHE A 216 5.14 0.11 -19.96
C PHE A 216 6.60 -0.08 -20.31
N ARG A 217 7.45 0.93 -20.02
CA ARG A 217 8.86 0.82 -20.43
C ARG A 217 9.59 -0.27 -19.67
N THR A 218 9.11 -0.64 -18.49
CA THR A 218 9.72 -1.67 -17.66
C THR A 218 9.11 -3.04 -17.91
N LEU A 219 7.78 -3.14 -17.87
CA LEU A 219 7.10 -4.42 -18.02
C LEU A 219 6.67 -4.72 -19.45
N GLY A 220 6.92 -3.83 -20.40
CA GLY A 220 6.45 -3.96 -21.77
C GLY A 220 5.05 -3.40 -21.93
N THR A 221 4.78 -2.86 -23.11
CA THR A 221 3.44 -2.33 -23.36
C THR A 221 2.45 -3.50 -23.43
N PRO A 222 1.40 -3.51 -22.63
CA PRO A 222 0.52 -4.67 -22.59
C PRO A 222 -0.28 -4.79 -23.89
N ASP A 223 -0.54 -6.04 -24.27
CA ASP A 223 -1.37 -6.29 -25.44
C ASP A 223 -2.40 -7.36 -25.10
N GLU A 224 -3.16 -7.78 -26.10
CA GLU A 224 -4.22 -8.75 -25.87
C GLU A 224 -3.66 -10.12 -25.48
N VAL A 225 -2.39 -10.40 -25.80
CA VAL A 225 -1.83 -11.69 -25.45
C VAL A 225 -1.70 -11.82 -23.93
N VAL A 226 -1.10 -10.81 -23.28
CA VAL A 226 -0.88 -10.89 -21.83
C VAL A 226 -2.03 -10.28 -21.02
N TRP A 227 -2.88 -9.47 -21.64
CA TRP A 227 -3.97 -8.82 -20.93
C TRP A 227 -5.17 -8.73 -21.86
N PRO A 228 -5.99 -9.79 -21.92
CA PRO A 228 -7.14 -9.77 -22.81
C PRO A 228 -8.12 -8.67 -22.40
N GLY A 229 -8.60 -7.93 -23.39
CA GLY A 229 -9.45 -6.79 -23.13
C GLY A 229 -8.74 -5.46 -22.91
N VAL A 230 -7.40 -5.46 -22.79
CA VAL A 230 -6.70 -4.22 -22.48
C VAL A 230 -6.94 -3.17 -23.56
N THR A 231 -7.03 -3.59 -24.83
CA THR A 231 -7.18 -2.60 -25.89
C THR A 231 -8.59 -2.04 -25.94
N SER A 232 -9.49 -2.54 -25.10
CA SER A 232 -10.84 -2.02 -24.96
C SER A 232 -11.00 -1.10 -23.76
N MET A 233 -9.94 -0.93 -22.95
CA MET A 233 -10.00 -0.12 -21.75
C MET A 233 -10.38 1.32 -22.09
N PRO A 234 -11.11 2.01 -21.21
CA PRO A 234 -11.61 3.35 -21.58
C PRO A 234 -10.52 4.31 -22.02
N ASP A 235 -9.35 4.30 -21.40
CA ASP A 235 -8.29 5.24 -21.75
C ASP A 235 -7.18 4.64 -22.58
N TYR A 236 -7.36 3.42 -23.10
CA TYR A 236 -6.35 2.83 -23.95
C TYR A 236 -6.34 3.54 -25.30
N LYS A 237 -5.15 3.82 -25.82
CA LYS A 237 -5.02 4.39 -27.15
C LYS A 237 -4.17 3.46 -28.02
N PRO A 238 -4.61 3.15 -29.24
CA PRO A 238 -3.76 2.36 -30.14
C PRO A 238 -2.43 3.03 -30.44
N SER A 239 -2.33 4.33 -30.23
CA SER A 239 -1.12 5.11 -30.48
C SER A 239 -0.09 4.99 -29.36
N PHE A 240 -0.38 4.25 -28.29
CA PHE A 240 0.58 4.02 -27.21
C PHE A 240 1.87 3.45 -27.82
N PRO A 241 3.05 3.95 -27.44
CA PRO A 241 4.27 3.31 -27.93
C PRO A 241 4.33 1.87 -27.45
N LYS A 242 4.97 1.01 -28.24
CA LYS A 242 5.08 -0.41 -27.93
C LYS A 242 6.52 -0.70 -27.47
N TRP A 243 6.72 -0.69 -26.16
CA TRP A 243 7.99 -1.00 -25.53
C TRP A 243 8.11 -2.48 -25.23
N ALA A 244 9.33 -3.01 -25.35
CA ALA A 244 9.60 -4.38 -24.99
C ALA A 244 9.73 -4.54 -23.47
N ARG A 245 9.38 -5.72 -22.99
CA ARG A 245 9.53 -6.03 -21.57
C ARG A 245 11.01 -6.21 -21.23
N GLN A 246 11.41 -5.70 -20.07
CA GLN A 246 12.73 -5.99 -19.51
C GLN A 246 12.64 -7.17 -18.54
N ASP A 247 13.82 -7.60 -18.05
CA ASP A 247 13.90 -8.77 -17.20
C ASP A 247 14.01 -8.34 -15.74
N PHE A 248 13.25 -9.03 -14.87
CA PHE A 248 13.24 -8.69 -13.45
C PHE A 248 14.63 -8.71 -12.83
N SER A 249 15.56 -9.48 -13.40
CA SER A 249 16.93 -9.42 -12.90
C SER A 249 17.48 -8.00 -13.01
N LYS A 250 17.01 -7.24 -14.00
CA LYS A 250 17.44 -5.85 -14.15
C LYS A 250 16.63 -4.92 -13.24
N VAL A 251 15.42 -5.32 -12.86
CA VAL A 251 14.49 -4.40 -12.21
C VAL A 251 14.74 -4.32 -10.71
N VAL A 252 14.93 -5.44 -10.03
CA VAL A 252 15.15 -5.40 -8.58
C VAL A 252 16.44 -6.15 -8.26
N PRO A 253 17.52 -5.87 -8.99
CA PRO A 253 18.70 -6.77 -9.08
C PRO A 253 18.95 -7.59 -7.83
N PRO A 254 19.17 -6.96 -6.67
CA PRO A 254 19.67 -7.74 -5.53
C PRO A 254 18.83 -8.99 -5.24
N LEU A 255 17.52 -8.89 -5.40
CA LEU A 255 16.57 -9.88 -4.91
C LEU A 255 16.78 -11.26 -5.50
N ASP A 256 16.58 -12.28 -4.67
CA ASP A 256 16.79 -13.67 -5.08
C ASP A 256 15.60 -14.15 -5.93
N GLU A 257 15.75 -15.34 -6.50
CA GLU A 257 14.77 -15.84 -7.47
C GLU A 257 13.39 -16.05 -6.86
N ASP A 258 13.32 -16.48 -5.58
CA ASP A 258 12.02 -16.58 -4.94
C ASP A 258 11.37 -15.21 -4.87
N GLY A 259 12.13 -14.21 -4.44
CA GLY A 259 11.59 -12.87 -4.36
C GLY A 259 11.14 -12.34 -5.71
N ARG A 260 11.96 -12.56 -6.75
CA ARG A 260 11.60 -12.06 -8.08
C ARG A 260 10.37 -12.79 -8.64
N SER A 261 10.24 -14.08 -8.37
CA SER A 261 9.05 -14.80 -8.80
C SER A 261 7.79 -14.23 -8.15
N LEU A 262 7.85 -14.00 -6.83
CA LEU A 262 6.68 -13.44 -6.16
C LEU A 262 6.37 -12.06 -6.71
N LEU A 263 7.38 -11.22 -6.88
CA LEU A 263 7.13 -9.87 -7.39
C LEU A 263 6.49 -9.92 -8.77
N SER A 264 6.99 -10.81 -9.62
CA SER A 264 6.44 -10.92 -10.98
C SER A 264 4.97 -11.27 -10.93
N GLN A 265 4.55 -12.08 -9.98
CA GLN A 265 3.14 -12.43 -9.87
C GLN A 265 2.31 -11.28 -9.27
N MET A 266 2.93 -10.43 -8.45
CA MET A 266 2.24 -9.26 -7.92
C MET A 266 2.10 -8.13 -8.95
N LEU A 267 2.92 -8.13 -9.99
CA LEU A 267 2.90 -7.09 -11.03
C LEU A 267 2.37 -7.61 -12.37
N HIS A 268 1.67 -8.74 -12.39
N HIS A 268 1.65 -8.71 -12.36
CA HIS A 268 1.00 -9.16 -13.61
CA HIS A 268 0.97 -9.17 -13.56
C HIS A 268 0.07 -8.06 -14.08
C HIS A 268 0.00 -8.11 -14.08
N TYR A 269 0.04 -7.82 -15.38
CA TYR A 269 -0.83 -6.78 -15.93
C TYR A 269 -2.30 -7.14 -15.72
N ASP A 270 -2.68 -8.36 -16.09
CA ASP A 270 -4.06 -8.79 -16.02
C ASP A 270 -4.51 -8.91 -14.58
N PRO A 271 -5.42 -8.07 -14.11
CA PRO A 271 -5.86 -8.17 -12.71
C PRO A 271 -6.38 -9.55 -12.35
N ASN A 272 -6.92 -10.30 -13.31
CA ASN A 272 -7.39 -11.65 -13.02
C ASN A 272 -6.27 -12.67 -12.93
N LYS A 273 -5.08 -12.38 -13.43
CA LYS A 273 -3.97 -13.30 -13.24
C LYS A 273 -3.07 -12.89 -12.10
N ARG A 274 -3.17 -11.62 -11.66
CA ARG A 274 -2.35 -11.14 -10.55
C ARG A 274 -2.63 -11.96 -9.29
N ILE A 275 -1.57 -12.24 -8.53
CA ILE A 275 -1.71 -13.13 -7.39
C ILE A 275 -2.58 -12.48 -6.32
N SER A 276 -3.40 -13.29 -5.64
CA SER A 276 -4.15 -12.77 -4.51
C SER A 276 -3.27 -12.67 -3.26
N ALA A 277 -3.75 -11.92 -2.27
CA ALA A 277 -2.98 -11.84 -1.03
C ALA A 277 -2.88 -13.20 -0.36
N LYS A 278 -3.98 -13.93 -0.31
CA LYS A 278 -4.00 -15.25 0.31
C LYS A 278 -3.03 -16.20 -0.41
N ALA A 279 -3.00 -16.16 -1.74
CA ALA A 279 -2.10 -17.05 -2.48
C ALA A 279 -0.64 -16.62 -2.32
N ALA A 280 -0.38 -15.31 -2.25
CA ALA A 280 0.99 -14.83 -2.07
C ALA A 280 1.58 -15.31 -0.74
N LEU A 281 0.74 -15.46 0.29
CA LEU A 281 1.23 -15.93 1.59
C LEU A 281 1.81 -17.34 1.51
N ALA A 282 1.38 -18.14 0.53
CA ALA A 282 1.87 -19.50 0.35
C ALA A 282 3.11 -19.57 -0.55
N HIS A 283 3.58 -18.44 -1.07
CA HIS A 283 4.70 -18.48 -2.00
C HIS A 283 5.96 -18.97 -1.30
N PRO A 284 6.80 -19.74 -1.99
CA PRO A 284 8.04 -20.25 -1.38
C PRO A 284 8.93 -19.17 -0.78
N PHE A 285 8.82 -17.92 -1.26
CA PHE A 285 9.63 -16.83 -0.69
C PHE A 285 9.46 -16.74 0.83
N PHE A 286 8.31 -17.15 1.35
CA PHE A 286 8.03 -17.01 2.78
C PHE A 286 8.32 -18.27 3.60
N GLN A 287 8.97 -19.27 3.01
CA GLN A 287 9.18 -20.51 3.75
C GLN A 287 10.04 -20.27 4.98
N ASP A 288 10.95 -19.30 4.92
CA ASP A 288 11.80 -19.01 6.07
C ASP A 288 11.46 -17.69 6.74
N VAL A 289 10.22 -17.23 6.61
CA VAL A 289 9.88 -15.93 7.19
C VAL A 289 9.99 -15.97 8.71
N THR A 290 10.44 -14.85 9.28
CA THR A 290 10.61 -14.66 10.73
C THR A 290 10.06 -13.29 11.07
N LYS A 291 10.20 -12.87 12.34
CA LYS A 291 9.70 -11.57 12.77
C LYS A 291 10.82 -10.82 13.48
N PRO A 292 11.73 -10.20 12.74
CA PRO A 292 12.80 -9.43 13.39
C PRO A 292 12.24 -8.14 13.96
N VAL A 293 13.01 -7.52 14.81
CA VAL A 293 12.63 -6.22 15.40
C VAL A 293 13.44 -5.15 14.69
N PRO A 294 12.81 -4.08 14.19
CA PRO A 294 13.57 -3.00 13.57
C PRO A 294 14.33 -2.23 14.63
N HIS A 295 15.35 -1.51 14.18
CA HIS A 295 16.03 -0.54 15.03
C HIS A 295 15.40 0.82 14.73
N LEU A 296 14.54 1.27 15.64
CA LEU A 296 13.79 2.51 15.44
C LEU A 296 14.39 3.60 16.31
N ARG A 297 14.71 4.72 15.68
CA ARG A 297 15.10 5.93 16.39
C ARG A 297 13.86 6.82 16.44
N LEU A 298 13.33 7.02 17.64
CA LEU A 298 12.12 7.82 17.78
C LEU A 298 12.41 9.14 18.45
C1 EDO B . 5.42 -11.66 11.41
O1 EDO B . 6.41 -11.76 10.38
C2 EDO B . 4.72 -13.02 11.50
O2 EDO B . 5.68 -14.06 11.26
C1 EDO C . 9.84 -14.26 15.17
O1 EDO C . 10.54 -15.17 14.31
C2 EDO C . 10.67 -13.94 16.41
O2 EDO C . 10.19 -12.69 16.95
OAP RRC D . -1.10 7.82 6.82
CAQ RRC D . -0.57 9.12 6.83
CAR RRC D . 0.69 9.08 7.71
CAK RRC D . 1.85 9.85 7.07
CAI RRC D . 3.00 10.01 8.04
NAS RRC D . 0.35 9.69 8.99
CAT RRC D . 0.13 8.91 10.22
NAU RRC D . -1.07 8.42 10.57
CAV RRC D . -1.22 7.71 11.75
NAW RRC D . -2.27 7.09 12.39
CAZ RRC D . -3.67 7.01 11.96
CAY RRC D . -4.22 8.38 11.59
CBA RRC D . -3.74 6.05 10.76
CAX RRC D . -1.81 6.53 13.51
CAN RRC D . -0.12 7.52 12.55
NAO RRC D . -0.51 6.78 13.64
NAL RRC D . 1.20 8.72 10.98
CAM RRC D . 1.13 8.04 12.13
NAJ RRC D . 2.32 7.85 12.91
CAD RRC D . 3.61 8.12 12.31
CAE RRC D . 4.09 9.50 12.74
CAG RRC D . 4.30 10.50 11.81
CAH RRC D . 4.74 11.74 12.23
CAF RRC D . 4.98 11.99 13.57
CAC RRC D . 4.77 11.00 14.50
CAB RRC D . 4.33 9.76 14.09
HAP RRC D . -1.80 7.77 6.20
HAQ1 RRC D . -1.29 9.82 7.25
HAQ2 RRC D . -0.30 9.43 5.83
HAR RRC D . 1.02 8.06 7.84
HAK1 RRC D . 1.50 10.83 6.76
HAK2 RRC D . 2.19 9.32 6.19
HAI1 RRC D . 3.94 9.97 7.49
HAI2 RRC D . 2.92 10.97 8.55
HAI3 RRC D . 2.99 9.21 8.77
HAS RRC D . 0.25 10.68 9.03
HAZ RRC D . -4.25 6.64 12.78
HAY1 RRC D . -4.33 8.98 12.50
HAY2 RRC D . -3.54 8.89 10.92
HAY3 RRC D . -5.19 8.26 11.12
HBA1 RRC D . -3.65 5.03 11.11
HBA2 RRC D . -2.95 6.28 10.07
HBA3 RRC D . -4.71 6.17 10.26
HAX RRC D . -2.41 5.97 14.22
HAJ RRC D . 2.25 7.52 13.86
HAD1 RRC D . 4.32 7.38 12.62
HAD2 RRC D . 3.51 8.11 11.23
HAG RRC D . 4.13 10.30 10.76
HAH RRC D . 4.91 12.52 11.49
HAF RRC D . 5.33 12.98 13.87
HAC RRC D . 4.94 11.20 15.56
HAB RRC D . 4.15 8.98 14.82
C13 7TW E . -9.81 -0.42 9.55
C17 7TW E . -10.18 -1.46 8.62
C20 7TW E . -11.11 -3.77 7.39
C21 7TW E . -11.23 -3.62 8.76
C02 7TW E . -7.76 5.17 7.26
C04 7TW E . -9.26 5.18 7.08
C05 7TW E . -9.84 6.26 6.43
C06 7TW E . -11.21 6.28 6.25
C07 7TW E . -12.00 5.23 6.71
C08 7TW E . -11.41 4.16 7.36
C09 7TW E . -10.03 4.12 7.54
C11 7TW E . -10.14 1.90 8.65
C12 7TW E . -9.15 0.89 9.21
C14 7TW E . -10.19 -0.88 10.81
C16 7TW E . -10.75 -2.46 9.38
C18 7TW E . -10.07 -1.60 7.23
C19 7TW E . -10.55 -2.75 6.61
N10 7TW E . -9.41 3.03 8.18
N15 7TW E . -10.74 -2.08 10.67
N22 7TW E . -11.81 7.39 5.60
O01 7TW E . -7.15 6.25 7.48
O03 7TW E . -7.11 4.09 7.19
O23 7TW E . -13.17 7.53 5.59
O24 7TW E . -11.10 8.22 5.04
#